data_3WA8
#
_entry.id   3WA8
#
_cell.length_a   71.823
_cell.length_b   75.383
_cell.length_c   112.671
_cell.angle_alpha   90.00
_cell.angle_beta   90.00
_cell.angle_gamma   90.00
#
_symmetry.space_group_name_H-M   'P 21 21 21'
#
loop_
_entity.id
_entity.type
_entity.pdbx_description
1 polymer 'CRISPR-associated protein, Cse2 family'
2 non-polymer 'MERCURY (II) ION'
3 water water
#
_entity_poly.entity_id   1
_entity_poly.type   'polypeptide(L)'
_entity_poly.pdbx_seq_one_letter_code
;GSHMQKEVSREQAFVRYLRQRSTPADLARMRRGLDAPGAEVVPLVEGFLGRIQDEHEDRWERICYYLVAGLWASTVSSSE
LEQFRKDEEEPEVGQNNEGGVNKGYRRTLGHAIAQLYLARDQSKSIEQRFIALLDADEEQLPYRLRQMVQLIESQDDIRI
YWSELLRDLLAWNRERKPVQQKWARAFYRTVAKEETISMEGEDAQ
;
_entity_poly.pdbx_strand_id   A,B
#
loop_
_chem_comp.id
_chem_comp.type
_chem_comp.name
_chem_comp.formula
HG non-polymer 'MERCURY (II) ION' 'Hg 2'
#
# COMPACT_ATOMS: atom_id res chain seq x y z
N GLU A 7 20.33 -22.93 -9.85
CA GLU A 7 19.44 -21.95 -10.53
C GLU A 7 18.55 -21.22 -9.50
N VAL A 8 17.24 -21.31 -9.70
CA VAL A 8 16.27 -20.49 -8.99
C VAL A 8 15.94 -21.11 -7.62
N SER A 9 16.50 -20.52 -6.57
CA SER A 9 16.11 -20.87 -5.21
C SER A 9 14.59 -20.77 -4.97
N ARG A 10 14.13 -21.36 -3.87
CA ARG A 10 12.72 -21.37 -3.57
C ARG A 10 12.16 -19.99 -3.27
N GLU A 11 12.96 -19.11 -2.67
CA GLU A 11 12.48 -17.76 -2.39
C GLU A 11 12.44 -16.90 -3.65
N GLN A 12 13.44 -17.08 -4.52
CA GLN A 12 13.36 -16.49 -5.84
C GLN A 12 12.08 -16.96 -6.53
N ALA A 13 11.87 -18.26 -6.59
CA ALA A 13 10.72 -18.79 -7.27
C ALA A 13 9.47 -18.15 -6.69
N PHE A 14 9.45 -17.94 -5.39
CA PHE A 14 8.27 -17.43 -4.75
C PHE A 14 7.97 -16.02 -5.25
N VAL A 15 8.99 -15.18 -5.23
CA VAL A 15 8.84 -13.80 -5.62
C VAL A 15 8.46 -13.68 -7.09
N ARG A 16 9.15 -14.37 -7.98
CA ARG A 16 8.73 -14.45 -9.38
C ARG A 16 7.23 -14.77 -9.51
N TYR A 17 6.75 -15.73 -8.72
CA TYR A 17 5.38 -16.22 -8.82
C TYR A 17 4.43 -15.10 -8.42
N LEU A 18 4.74 -14.40 -7.33
CA LEU A 18 3.93 -13.26 -6.91
C LEU A 18 3.87 -12.21 -8.01
N ARG A 19 5.01 -11.93 -8.65
CA ARG A 19 5.07 -10.94 -9.73
C ARG A 19 4.23 -11.33 -10.92
N GLN A 20 4.25 -12.61 -11.24
CA GLN A 20 3.65 -13.06 -12.46
C GLN A 20 2.19 -13.32 -12.29
N ARG A 21 1.75 -13.72 -11.11
CA ARG A 21 0.40 -14.28 -10.99
C ARG A 21 -0.57 -13.49 -10.12
N SER A 22 -0.07 -12.64 -9.22
CA SER A 22 -0.96 -11.90 -8.29
C SER A 22 -2.00 -11.05 -8.99
N THR A 23 -3.25 -11.10 -8.52
CA THR A 23 -4.27 -10.18 -9.00
C THR A 23 -4.44 -9.03 -8.01
N PRO A 24 -5.13 -7.95 -8.44
CA PRO A 24 -5.25 -6.82 -7.53
C PRO A 24 -5.94 -7.23 -6.24
N ALA A 25 -6.93 -8.11 -6.32
CA ALA A 25 -7.52 -8.71 -5.11
C ALA A 25 -6.46 -9.39 -4.23
N ASP A 26 -5.58 -10.20 -4.82
CA ASP A 26 -4.55 -10.85 -4.00
C ASP A 26 -3.76 -9.81 -3.25
N LEU A 27 -3.39 -8.73 -3.96
CA LEU A 27 -2.51 -7.72 -3.36
C LEU A 27 -3.21 -7.05 -2.17
N ALA A 28 -4.53 -6.82 -2.33
CA ALA A 28 -5.32 -6.24 -1.29
C ALA A 28 -5.26 -7.11 -0.04
N ARG A 29 -5.48 -8.42 -0.21
CA ARG A 29 -5.40 -9.36 0.90
C ARG A 29 -4.00 -9.40 1.52
N MET A 30 -2.98 -9.56 0.67
CA MET A 30 -1.57 -9.58 1.11
C MET A 30 -1.26 -8.36 1.97
N ARG A 31 -1.75 -7.20 1.52
CA ARG A 31 -1.56 -5.93 2.23
C ARG A 31 -2.27 -5.95 3.57
N ARG A 32 -3.54 -6.37 3.54
CA ARG A 32 -4.39 -6.49 4.73
C ARG A 32 -3.82 -7.41 5.82
N GLY A 33 -3.17 -8.51 5.43
CA GLY A 33 -2.56 -9.44 6.35
C GLY A 33 -1.33 -8.92 7.09
N LEU A 34 -0.82 -7.76 6.70
CA LEU A 34 0.41 -7.21 7.34
C LEU A 34 0.43 -7.21 8.88
N ASP A 35 -0.68 -6.91 9.54
CA ASP A 35 -0.64 -6.84 10.99
C ASP A 35 -0.58 -8.25 11.64
N ALA A 36 -0.97 -9.28 10.91
CA ALA A 36 -0.99 -10.63 11.46
C ALA A 36 -0.75 -11.54 10.26
N PRO A 37 0.48 -11.54 9.74
CA PRO A 37 0.82 -12.26 8.50
C PRO A 37 0.45 -13.72 8.62
N GLY A 38 -0.21 -14.27 7.61
CA GLY A 38 -0.68 -15.64 7.66
C GLY A 38 -2.11 -15.74 8.11
N ALA A 39 -2.55 -14.79 8.93
CA ALA A 39 -3.90 -14.88 9.49
C ALA A 39 -4.91 -14.47 8.44
N GLU A 40 -4.47 -13.77 7.43
CA GLU A 40 -5.35 -13.37 6.33
C GLU A 40 -4.96 -14.22 5.12
N VAL A 41 -5.77 -15.22 4.82
CA VAL A 41 -5.34 -16.26 3.94
C VAL A 41 -5.42 -15.85 2.48
N VAL A 42 -4.38 -16.14 1.71
CA VAL A 42 -4.39 -15.85 0.26
C VAL A 42 -4.08 -17.11 -0.57
N PRO A 43 -5.07 -17.61 -1.34
CA PRO A 43 -4.93 -18.91 -2.01
C PRO A 43 -3.62 -19.00 -2.75
N LEU A 44 -3.32 -17.97 -3.53
CA LEU A 44 -2.02 -17.85 -4.17
C LEU A 44 -0.82 -18.29 -3.31
N VAL A 45 -0.70 -17.69 -2.14
CA VAL A 45 0.40 -17.96 -1.22
C VAL A 45 0.28 -19.35 -0.64
N GLU A 46 -0.93 -19.67 -0.15
CA GLU A 46 -1.25 -20.99 0.38
C GLU A 46 -0.88 -22.11 -0.60
N GLY A 47 -1.21 -21.87 -1.87
CA GLY A 47 -0.85 -22.77 -2.93
C GLY A 47 0.64 -23.01 -2.94
N PHE A 48 1.41 -21.93 -2.83
CA PHE A 48 2.85 -22.06 -2.95
C PHE A 48 3.40 -22.79 -1.74
N LEU A 49 2.94 -22.41 -0.56
CA LEU A 49 3.37 -23.08 0.68
C LEU A 49 2.93 -24.52 0.72
N GLY A 50 1.76 -24.80 0.16
CA GLY A 50 1.22 -26.16 0.15
C GLY A 50 1.94 -27.08 -0.81
N ARG A 51 2.90 -26.54 -1.56
CA ARG A 51 3.65 -27.35 -2.50
C ARG A 51 5.06 -27.67 -2.02
N ILE A 52 5.34 -27.36 -0.75
CA ILE A 52 6.65 -27.69 -0.16
C ILE A 52 6.55 -28.18 1.29
N GLN A 53 5.96 -27.35 2.15
CA GLN A 53 5.92 -27.47 3.64
C GLN A 53 5.89 -28.89 4.28
N ASP A 54 5.09 -29.79 3.72
CA ASP A 54 5.08 -31.21 4.12
C ASP A 54 4.83 -31.53 5.61
N GLU A 55 5.90 -31.44 6.41
CA GLU A 55 5.84 -31.74 7.85
C GLU A 55 6.60 -30.68 8.66
N HIS A 56 6.72 -29.50 8.08
CA HIS A 56 7.20 -28.35 8.81
C HIS A 56 6.04 -27.40 9.11
N GLU A 57 5.21 -27.80 10.09
CA GLU A 57 4.28 -26.86 10.73
C GLU A 57 5.11 -25.69 11.26
N ASP A 58 5.82 -25.06 10.32
CA ASP A 58 6.74 -24.02 10.68
C ASP A 58 5.99 -22.72 10.60
N ARG A 59 5.47 -22.36 11.77
CA ARG A 59 4.67 -21.18 11.91
C ARG A 59 5.49 -19.98 11.47
N TRP A 60 6.81 -20.09 11.64
CA TRP A 60 7.74 -19.07 11.20
C TRP A 60 7.72 -18.89 9.69
N GLU A 61 7.91 -19.99 8.97
CA GLU A 61 7.91 -19.95 7.53
C GLU A 61 6.69 -19.18 7.07
N ARG A 62 5.51 -19.61 7.53
CA ARG A 62 4.26 -19.01 7.10
C ARG A 62 4.24 -17.50 7.40
N ILE A 63 4.71 -17.12 8.60
CA ILE A 63 4.78 -15.71 8.90
C ILE A 63 5.73 -15.02 7.89
N CYS A 64 6.90 -15.60 7.64
CA CYS A 64 7.86 -14.92 6.82
C CYS A 64 7.33 -14.72 5.40
N TYR A 65 6.91 -15.81 4.74
CA TYR A 65 6.27 -15.72 3.41
C TYR A 65 5.20 -14.65 3.31
N TYR A 66 4.25 -14.69 4.23
CA TYR A 66 3.13 -13.78 4.16
C TYR A 66 3.57 -12.36 4.37
N LEU A 67 4.45 -12.15 5.35
CA LEU A 67 5.01 -10.83 5.60
C LEU A 67 5.71 -10.34 4.33
N VAL A 68 6.50 -11.17 3.67
CA VAL A 68 7.21 -10.64 2.52
C VAL A 68 6.20 -10.31 1.43
N ALA A 69 5.18 -11.15 1.31
CA ALA A 69 4.14 -10.90 0.36
C ALA A 69 3.53 -9.51 0.62
N GLY A 70 3.15 -9.26 1.88
CA GLY A 70 2.50 -8.00 2.22
C GLY A 70 3.39 -6.82 1.93
N LEU A 71 4.66 -6.91 2.31
CA LEU A 71 5.54 -5.78 2.13
C LEU A 71 5.71 -5.55 0.64
N TRP A 72 5.87 -6.64 -0.10
CA TRP A 72 6.13 -6.54 -1.51
C TRP A 72 4.89 -5.91 -2.13
N ALA A 73 3.72 -6.35 -1.67
CA ALA A 73 2.44 -5.89 -2.19
C ALA A 73 2.23 -4.41 -1.87
N SER A 74 3.10 -3.87 -1.01
CA SER A 74 2.99 -2.47 -0.60
C SER A 74 3.98 -1.59 -1.30
N THR A 75 4.88 -2.19 -2.05
CA THR A 75 6.03 -1.44 -2.55
C THR A 75 5.72 -0.23 -3.42
N VAL A 76 6.67 0.67 -3.48
CA VAL A 76 6.53 1.91 -4.19
C VAL A 76 7.84 2.22 -4.92
N SER A 77 8.85 1.39 -4.71
CA SER A 77 10.21 1.69 -5.17
C SER A 77 10.31 1.61 -6.68
N SER A 78 11.16 2.46 -7.25
CA SER A 78 11.42 2.46 -8.69
C SER A 78 12.11 1.17 -9.10
N SER A 79 12.94 0.65 -8.20
CA SER A 79 13.65 -0.60 -8.42
C SER A 79 12.73 -1.77 -8.71
N GLU A 80 11.54 -1.81 -8.10
CA GLU A 80 10.58 -2.86 -8.43
C GLU A 80 10.00 -2.70 -9.83
N LEU A 81 9.97 -1.48 -10.34
CA LEU A 81 9.48 -1.28 -11.69
C LEU A 81 10.48 -1.86 -12.68
N GLU A 82 11.76 -1.92 -12.28
CA GLU A 82 12.81 -2.56 -13.07
C GLU A 82 12.74 -4.09 -13.03
N GLN A 83 12.43 -4.65 -11.85
CA GLN A 83 12.31 -6.09 -11.63
C GLN A 83 11.14 -6.70 -12.36
N PHE A 84 10.57 -5.98 -13.32
CA PHE A 84 9.53 -6.52 -14.16
C PHE A 84 10.09 -6.77 -15.56
N ARG A 85 11.13 -6.02 -15.93
CA ARG A 85 11.91 -6.30 -17.14
C ARG A 85 12.92 -7.44 -16.85
N LYS A 86 13.95 -7.12 -16.05
CA LYS A 86 14.99 -8.09 -15.65
C LYS A 86 14.37 -9.29 -14.91
N VAL A 101 31.06 -12.25 -3.01
CA VAL A 101 31.42 -11.78 -1.67
C VAL A 101 30.70 -10.45 -1.39
N ASN A 102 31.02 -9.46 -2.22
CA ASN A 102 30.40 -8.12 -2.21
C ASN A 102 28.93 -8.19 -2.62
N LYS A 103 28.64 -8.94 -3.70
CA LYS A 103 27.26 -9.19 -4.14
C LYS A 103 26.44 -9.74 -2.99
N GLY A 104 27.07 -10.62 -2.19
CA GLY A 104 26.48 -11.14 -0.96
C GLY A 104 25.86 -10.02 -0.16
N TYR A 105 26.69 -9.09 0.28
CA TYR A 105 26.28 -7.99 1.17
C TYR A 105 25.29 -7.00 0.59
N ARG A 106 25.51 -6.56 -0.66
CA ARG A 106 24.63 -5.57 -1.31
C ARG A 106 23.21 -6.08 -1.38
N ARG A 107 23.11 -7.39 -1.56
CA ARG A 107 21.82 -8.04 -1.71
C ARG A 107 21.04 -8.25 -0.41
N THR A 108 21.63 -7.87 0.72
CA THR A 108 20.99 -8.03 2.04
C THR A 108 20.35 -6.74 2.55
N LEU A 109 19.39 -6.85 3.46
CA LEU A 109 18.67 -5.67 3.88
C LEU A 109 19.60 -4.67 4.60
N GLY A 110 20.66 -5.21 5.21
CA GLY A 110 21.68 -4.38 5.81
C GLY A 110 22.16 -3.35 4.78
N HIS A 111 22.48 -3.83 3.58
CA HIS A 111 22.93 -2.87 2.57
C HIS A 111 21.84 -1.82 2.26
N ALA A 112 20.58 -2.24 2.17
CA ALA A 112 19.51 -1.29 1.84
C ALA A 112 19.44 -0.23 2.95
N ILE A 113 19.54 -0.69 4.20
CA ILE A 113 19.41 0.20 5.35
C ILE A 113 20.57 1.21 5.40
N ALA A 114 21.77 0.76 5.06
CA ALA A 114 22.91 1.65 5.07
C ALA A 114 22.69 2.74 4.04
N GLN A 115 22.14 2.36 2.89
CA GLN A 115 21.89 3.32 1.82
C GLN A 115 20.94 4.40 2.30
N LEU A 116 19.93 3.97 3.08
CA LEU A 116 18.96 4.87 3.67
C LEU A 116 19.66 5.77 4.69
N TYR A 117 20.46 5.15 5.56
CA TYR A 117 21.26 5.88 6.53
C TYR A 117 22.05 7.00 5.88
N LEU A 118 22.77 6.70 4.80
CA LEU A 118 23.62 7.69 4.14
C LEU A 118 22.81 8.76 3.42
N ALA A 119 21.66 8.38 2.90
CA ALA A 119 20.74 9.31 2.25
C ALA A 119 20.22 10.37 3.25
N ARG A 120 20.14 10.01 4.53
CA ARG A 120 19.64 10.93 5.55
C ARG A 120 20.74 11.51 6.43
N ASP A 121 21.88 11.83 5.81
CA ASP A 121 23.01 12.46 6.52
C ASP A 121 23.68 11.64 7.57
N GLN A 122 23.72 10.33 7.40
CA GLN A 122 24.27 9.42 8.42
C GLN A 122 23.52 9.63 9.72
N SER A 123 22.19 9.56 9.64
CA SER A 123 21.30 9.90 10.72
C SER A 123 21.33 8.87 11.82
N LYS A 124 21.70 9.28 13.02
CA LYS A 124 21.82 8.32 14.10
C LYS A 124 20.50 7.64 14.47
N SER A 125 19.37 8.29 14.20
CA SER A 125 18.13 7.62 14.46
C SER A 125 17.92 6.41 13.52
N ILE A 126 18.43 6.46 12.28
CA ILE A 126 18.26 5.28 11.44
C ILE A 126 19.16 4.17 11.98
N GLU A 127 20.35 4.55 12.45
CA GLU A 127 21.28 3.57 12.96
C GLU A 127 20.68 2.88 14.17
N GLN A 128 20.04 3.67 15.03
CA GLN A 128 19.40 3.13 16.21
C GLN A 128 18.21 2.23 15.88
N ARG A 129 17.34 2.72 15.02
CA ARG A 129 16.22 1.92 14.55
C ARG A 129 16.76 0.62 13.97
N PHE A 130 17.94 0.71 13.33
CA PHE A 130 18.57 -0.45 12.73
C PHE A 130 19.10 -1.43 13.77
N ILE A 131 19.74 -0.89 14.80
CA ILE A 131 20.24 -1.73 15.86
C ILE A 131 19.04 -2.39 16.51
N ALA A 132 17.98 -1.64 16.69
CA ALA A 132 16.80 -2.16 17.34
C ALA A 132 16.23 -3.30 16.53
N LEU A 133 16.27 -3.15 15.20
CA LEU A 133 15.87 -4.20 14.29
C LEU A 133 16.72 -5.45 14.49
N LEU A 134 18.04 -5.31 14.58
CA LEU A 134 18.87 -6.50 14.75
C LEU A 134 18.62 -7.21 16.09
N ASP A 135 18.01 -6.52 17.05
CA ASP A 135 17.72 -7.11 18.36
C ASP A 135 16.40 -7.88 18.41
N ALA A 136 15.52 -7.61 17.45
CA ALA A 136 14.17 -8.12 17.49
C ALA A 136 14.16 -9.62 17.70
N ASP A 137 13.21 -10.10 18.49
CA ASP A 137 12.86 -11.51 18.49
C ASP A 137 11.72 -11.75 17.49
N GLU A 138 11.35 -13.01 17.34
CA GLU A 138 10.30 -13.41 16.42
C GLU A 138 9.07 -12.51 16.53
N GLU A 139 8.66 -12.19 17.76
CA GLU A 139 7.44 -11.40 17.92
C GLU A 139 7.62 -9.93 17.53
N GLN A 140 8.79 -9.38 17.80
CA GLN A 140 9.07 -8.00 17.51
C GLN A 140 9.35 -7.77 16.06
N LEU A 141 9.84 -8.80 15.38
CA LEU A 141 10.39 -8.59 14.06
C LEU A 141 9.38 -8.09 13.02
N PRO A 142 8.22 -8.74 12.90
CA PRO A 142 7.39 -8.30 11.79
C PRO A 142 7.12 -6.81 11.91
N TYR A 143 6.90 -6.34 13.13
CA TYR A 143 6.62 -4.93 13.30
C TYR A 143 7.82 -4.02 12.95
N ARG A 144 9.00 -4.34 13.46
CA ARG A 144 10.11 -3.46 13.23
C ARG A 144 10.56 -3.46 11.77
N LEU A 145 10.47 -4.62 11.14
CA LEU A 145 10.82 -4.73 9.73
C LEU A 145 9.88 -3.89 8.86
N ARG A 146 8.63 -3.84 9.28
CA ARG A 146 7.62 -3.18 8.51
C ARG A 146 7.87 -1.71 8.58
N GLN A 147 8.23 -1.21 9.75
CA GLN A 147 8.59 0.19 9.88
C GLN A 147 9.83 0.54 9.04
N MET A 148 10.82 -0.34 9.02
CA MET A 148 12.10 -0.05 8.37
C MET A 148 11.96 -0.01 6.85
N VAL A 149 11.31 -1.05 6.31
CA VAL A 149 10.89 -1.09 4.91
C VAL A 149 10.16 0.18 4.52
N GLN A 150 9.20 0.57 5.33
CA GLN A 150 8.53 1.83 5.15
C GLN A 150 9.53 3.00 5.04
N LEU A 151 10.49 3.09 5.96
CA LEU A 151 11.46 4.15 5.87
C LEU A 151 12.26 4.04 4.59
N ILE A 152 12.81 2.86 4.34
CA ILE A 152 13.53 2.60 3.12
C ILE A 152 12.77 3.05 1.85
N GLU A 153 11.47 2.77 1.80
CA GLU A 153 10.61 3.05 0.62
C GLU A 153 10.37 4.55 0.43
N SER A 154 10.54 5.33 1.49
CA SER A 154 10.55 6.78 1.37
C SER A 154 11.66 7.30 0.50
N GLN A 155 12.83 6.64 0.52
CA GLN A 155 13.86 7.04 -0.45
C GLN A 155 13.52 6.35 -1.74
N ASP A 156 13.57 7.09 -2.83
CA ASP A 156 12.99 6.57 -4.04
C ASP A 156 13.88 5.48 -4.65
N ASP A 157 15.19 5.66 -4.49
CA ASP A 157 16.18 5.03 -5.34
C ASP A 157 16.78 3.78 -4.73
N ILE A 158 16.27 3.31 -3.59
CA ILE A 158 16.87 2.17 -2.94
C ILE A 158 16.14 0.87 -3.20
N ARG A 159 16.85 -0.10 -3.75
CA ARG A 159 16.29 -1.39 -4.09
C ARG A 159 16.26 -2.29 -2.87
N ILE A 160 15.16 -2.99 -2.63
CA ILE A 160 15.11 -4.05 -1.60
C ILE A 160 15.04 -5.39 -2.29
N TYR A 161 16.03 -6.26 -2.11
CA TYR A 161 15.97 -7.57 -2.74
C TYR A 161 15.04 -8.50 -1.96
N TRP A 162 13.79 -8.60 -2.40
CA TRP A 162 12.82 -9.43 -1.69
C TRP A 162 13.19 -10.90 -1.52
N SER A 163 13.69 -11.55 -2.54
CA SER A 163 13.98 -12.96 -2.34
C SER A 163 15.05 -13.15 -1.27
N GLU A 164 16.09 -12.32 -1.29
CA GLU A 164 17.09 -12.41 -0.23
C GLU A 164 16.46 -12.07 1.12
N LEU A 165 15.54 -11.09 1.15
CA LEU A 165 14.89 -10.73 2.40
C LEU A 165 14.18 -11.96 3.00
N LEU A 166 13.40 -12.65 2.18
CA LEU A 166 12.67 -13.81 2.66
C LEU A 166 13.61 -14.91 3.18
N ARG A 167 14.63 -15.24 2.40
CA ARG A 167 15.64 -16.21 2.82
C ARG A 167 16.23 -15.81 4.18
N ASP A 168 16.48 -14.51 4.34
CA ASP A 168 17.11 -13.99 5.55
C ASP A 168 16.16 -14.07 6.72
N LEU A 169 14.94 -13.57 6.55
CA LEU A 169 13.93 -13.76 7.58
C LEU A 169 13.77 -15.22 7.95
N LEU A 170 13.79 -16.13 6.98
CA LEU A 170 13.55 -17.52 7.34
C LEU A 170 14.59 -18.01 8.31
N ALA A 171 15.77 -17.39 8.30
CA ALA A 171 16.89 -17.91 9.08
C ALA A 171 17.22 -17.08 10.32
N TRP A 172 16.33 -16.13 10.59
CA TRP A 172 16.40 -15.28 11.77
C TRP A 172 16.72 -15.97 13.09
N ASN A 173 16.13 -17.14 13.38
CA ASN A 173 16.32 -17.80 14.68
C ASN A 173 17.43 -18.81 14.69
N ARG A 174 18.38 -18.70 13.76
CA ARG A 174 19.52 -19.62 13.79
C ARG A 174 20.46 -19.26 14.90
N GLU A 175 21.23 -20.22 15.40
CA GLU A 175 21.88 -20.09 16.70
C GLU A 175 22.95 -19.03 16.99
N ARG A 176 24.09 -19.00 16.32
CA ARG A 176 24.96 -17.88 16.62
C ARG A 176 24.53 -16.64 15.84
N LYS A 177 23.29 -16.62 15.39
CA LYS A 177 22.72 -15.42 14.83
C LYS A 177 23.42 -14.88 13.56
N PRO A 178 23.66 -15.75 12.54
CA PRO A 178 24.31 -15.38 11.26
C PRO A 178 23.60 -14.29 10.42
N VAL A 179 22.30 -14.33 10.27
CA VAL A 179 21.66 -13.27 9.50
C VAL A 179 21.98 -11.88 10.09
N GLN A 180 21.83 -11.78 11.41
CA GLN A 180 21.99 -10.52 12.08
C GLN A 180 23.44 -10.11 11.98
N GLN A 181 24.35 -11.07 12.17
CA GLN A 181 25.75 -10.81 11.90
C GLN A 181 25.90 -10.27 10.48
N LYS A 182 25.23 -10.92 9.53
CA LYS A 182 25.47 -10.68 8.12
C LYS A 182 25.00 -9.29 7.80
N TRP A 183 23.82 -8.96 8.27
CA TRP A 183 23.27 -7.64 8.06
C TRP A 183 24.19 -6.58 8.62
N ALA A 184 24.64 -6.77 9.86
CA ALA A 184 25.44 -5.76 10.52
C ALA A 184 26.69 -5.46 9.69
N ARG A 185 27.27 -6.51 9.14
CA ARG A 185 28.53 -6.37 8.42
C ARG A 185 28.25 -5.66 7.14
N ALA A 186 27.10 -5.93 6.54
CA ALA A 186 26.76 -5.27 5.29
C ALA A 186 26.61 -3.80 5.56
N PHE A 187 25.88 -3.46 6.61
CA PHE A 187 25.67 -2.06 6.95
C PHE A 187 27.00 -1.32 7.12
N TYR A 188 27.87 -1.81 7.99
CA TYR A 188 29.06 -1.03 8.27
C TYR A 188 30.06 -1.08 7.13
N ARG A 189 29.97 -2.12 6.32
CA ARG A 189 30.79 -2.24 5.12
C ARG A 189 30.41 -1.19 4.06
N THR A 190 29.11 -0.97 3.87
CA THR A 190 28.60 0.06 2.97
C THR A 190 28.96 1.48 3.41
N VAL A 191 28.72 1.80 4.67
CA VAL A 191 29.09 3.10 5.24
C VAL A 191 30.58 3.43 5.03
N ALA A 192 31.42 2.48 5.41
CA ALA A 192 32.85 2.60 5.21
C ALA A 192 33.18 2.86 3.75
N LYS A 193 32.50 2.12 2.88
CA LYS A 193 32.74 2.21 1.45
C LYS A 193 32.53 3.64 0.97
N GLU A 194 31.50 4.30 1.49
CA GLU A 194 31.19 5.68 1.13
C GLU A 194 32.24 6.69 1.62
N GLU A 195 32.69 6.51 2.86
CA GLU A 195 33.79 7.32 3.38
C GLU A 195 35.06 7.21 2.52
N THR A 196 35.15 6.18 1.65
CA THR A 196 36.19 6.16 0.60
C THR A 196 35.76 6.85 -0.70
N ILE A 197 34.56 6.53 -1.22
CA ILE A 197 34.03 7.15 -2.46
C ILE A 197 34.09 8.70 -2.41
N SER A 198 34.29 9.27 -1.21
CA SER A 198 34.39 10.72 -1.02
C SER A 198 35.82 11.23 -0.76
N MET A 199 36.36 12.01 -1.69
CA MET A 199 37.64 12.71 -1.52
C MET A 199 37.73 13.91 -2.45
N GLU B 7 -26.97 1.72 -17.55
CA GLU B 7 -25.74 1.45 -18.38
C GLU B 7 -24.48 1.73 -17.56
N VAL B 8 -23.33 1.54 -18.22
CA VAL B 8 -22.01 1.61 -17.56
C VAL B 8 -21.31 2.93 -17.83
N SER B 9 -21.16 3.76 -16.82
CA SER B 9 -20.55 5.06 -17.00
C SER B 9 -19.00 5.03 -17.09
N ARG B 10 -18.41 6.18 -17.38
CA ARG B 10 -16.97 6.29 -17.49
C ARG B 10 -16.30 5.86 -16.24
N GLU B 11 -16.77 6.34 -15.09
CA GLU B 11 -16.08 6.06 -13.83
C GLU B 11 -16.12 4.55 -13.57
N GLN B 12 -17.28 3.95 -13.86
CA GLN B 12 -17.47 2.52 -13.73
C GLN B 12 -16.52 1.71 -14.61
N ALA B 13 -16.43 2.11 -15.88
CA ALA B 13 -15.52 1.48 -16.83
C ALA B 13 -14.07 1.63 -16.38
N PHE B 14 -13.73 2.79 -15.85
CA PHE B 14 -12.38 3.03 -15.45
C PHE B 14 -12.00 2.03 -14.41
N VAL B 15 -12.87 1.79 -13.44
CA VAL B 15 -12.56 0.91 -12.31
C VAL B 15 -12.54 -0.54 -12.79
N ARG B 16 -13.48 -0.89 -13.64
CA ARG B 16 -13.49 -2.21 -14.26
C ARG B 16 -12.15 -2.45 -14.97
N TYR B 17 -11.66 -1.39 -15.61
CA TYR B 17 -10.51 -1.50 -16.50
C TYR B 17 -9.32 -1.73 -15.63
N LEU B 18 -9.24 -1.01 -14.51
CA LEU B 18 -8.17 -1.23 -13.55
C LEU B 18 -8.22 -2.62 -12.89
N ARG B 19 -9.41 -3.12 -12.55
CA ARG B 19 -9.48 -4.47 -11.93
C ARG B 19 -8.99 -5.53 -12.92
N GLN B 20 -9.31 -5.36 -14.19
CA GLN B 20 -9.06 -6.37 -15.18
C GLN B 20 -7.70 -6.35 -15.81
N ARG B 21 -7.03 -5.21 -15.84
CA ARG B 21 -5.79 -5.11 -16.62
C ARG B 21 -4.53 -4.85 -15.79
N SER B 22 -4.67 -4.23 -14.62
CA SER B 22 -3.52 -3.90 -13.78
C SER B 22 -2.66 -5.10 -13.46
N THR B 23 -1.37 -4.96 -13.76
CA THR B 23 -0.32 -5.82 -13.22
C THR B 23 0.21 -5.24 -11.90
N PRO B 24 0.90 -6.07 -11.11
CA PRO B 24 1.60 -5.58 -9.92
C PRO B 24 2.46 -4.34 -10.14
N ALA B 25 3.23 -4.30 -11.23
CA ALA B 25 4.00 -3.09 -11.59
C ALA B 25 3.07 -1.86 -11.76
N ASP B 26 2.02 -2.01 -12.58
CA ASP B 26 1.04 -0.98 -12.68
C ASP B 26 0.59 -0.52 -11.30
N LEU B 27 0.41 -1.44 -10.36
CA LEU B 27 -0.20 -1.01 -9.12
C LEU B 27 0.81 -0.27 -8.29
N ALA B 28 2.07 -0.66 -8.40
CA ALA B 28 3.14 0.07 -7.71
C ALA B 28 3.22 1.51 -8.25
N ARG B 29 3.28 1.62 -9.59
CA ARG B 29 3.21 2.88 -10.29
C ARG B 29 2.05 3.74 -9.76
N MET B 30 0.86 3.14 -9.72
CA MET B 30 -0.28 3.87 -9.20
C MET B 30 -0.04 4.30 -7.74
N ARG B 31 0.53 3.42 -6.90
CA ARG B 31 0.72 3.79 -5.51
C ARG B 31 1.64 5.01 -5.44
N ARG B 32 2.68 5.05 -6.29
CA ARG B 32 3.68 6.12 -6.20
C ARG B 32 3.04 7.44 -6.53
N GLY B 33 2.02 7.41 -7.38
CA GLY B 33 1.26 8.60 -7.68
C GLY B 33 0.85 9.37 -6.43
N LEU B 34 0.13 8.68 -5.54
CA LEU B 34 -0.56 9.29 -4.39
C LEU B 34 -0.11 10.68 -3.96
N ASP B 35 1.19 10.87 -3.77
CA ASP B 35 1.67 12.19 -3.29
C ASP B 35 1.38 13.33 -4.28
N ALA B 36 1.80 13.15 -5.53
CA ALA B 36 1.48 14.12 -6.58
C ALA B 36 0.78 13.39 -7.72
N PRO B 37 -0.56 13.21 -7.59
CA PRO B 37 -1.35 12.44 -8.55
C PRO B 37 -1.18 13.02 -9.96
N GLY B 38 -0.67 12.25 -10.89
CA GLY B 38 -0.62 12.68 -12.28
C GLY B 38 0.70 13.32 -12.64
N ALA B 39 1.53 13.60 -11.63
CA ALA B 39 2.85 14.21 -11.89
C ALA B 39 3.76 13.28 -12.65
N GLU B 40 3.63 11.99 -12.39
CA GLU B 40 4.23 10.94 -13.20
C GLU B 40 3.18 10.27 -14.06
N VAL B 41 3.57 9.80 -15.22
CA VAL B 41 2.63 9.15 -16.11
C VAL B 41 2.56 7.71 -15.73
N VAL B 42 1.36 7.16 -15.63
CA VAL B 42 1.18 5.72 -15.48
C VAL B 42 0.54 5.27 -16.78
N PRO B 43 1.32 4.65 -17.67
CA PRO B 43 0.85 4.41 -19.05
C PRO B 43 -0.54 3.75 -19.11
N LEU B 44 -0.83 2.83 -18.19
CA LEU B 44 -2.14 2.16 -18.18
C LEU B 44 -3.28 3.15 -18.07
N VAL B 45 -3.21 4.01 -17.07
CA VAL B 45 -4.19 5.06 -16.84
C VAL B 45 -4.27 5.95 -18.08
N GLU B 46 -3.13 6.23 -18.69
CA GLU B 46 -3.16 7.11 -19.82
C GLU B 46 -3.95 6.42 -20.90
N GLY B 47 -3.75 5.11 -21.03
CA GLY B 47 -4.46 4.29 -22.01
C GLY B 47 -5.95 4.47 -21.85
N PHE B 48 -6.43 4.42 -20.62
CA PHE B 48 -7.83 4.69 -20.40
C PHE B 48 -8.25 6.10 -20.85
N LEU B 49 -7.59 7.13 -20.34
CA LEU B 49 -7.96 8.51 -20.67
C LEU B 49 -7.91 8.79 -22.15
N GLY B 50 -6.97 8.14 -22.84
CA GLY B 50 -6.81 8.38 -24.26
C GLY B 50 -7.86 7.66 -25.08
N ARG B 51 -8.50 6.68 -24.47
CA ARG B 51 -9.48 5.87 -25.17
C ARG B 51 -10.88 6.45 -25.07
N ILE B 52 -11.17 7.16 -23.99
CA ILE B 52 -12.44 7.89 -23.90
C ILE B 52 -12.45 9.11 -24.82
N GLN B 53 -11.75 9.00 -25.96
CA GLN B 53 -11.62 10.02 -27.02
C GLN B 53 -11.57 11.47 -26.53
N ASP B 54 -11.38 11.57 -25.21
CA ASP B 54 -11.08 12.81 -24.54
C ASP B 54 -9.65 13.20 -24.86
N GLU B 55 -9.55 14.22 -25.72
CA GLU B 55 -8.36 15.03 -25.88
C GLU B 55 -7.89 15.37 -24.44
N HIS B 56 -8.87 15.74 -23.62
CA HIS B 56 -8.75 15.68 -22.17
C HIS B 56 -8.40 16.99 -21.49
N GLU B 57 -8.21 18.04 -22.29
CA GLU B 57 -7.86 19.42 -21.88
C GLU B 57 -8.29 19.81 -20.45
N ASP B 58 -8.02 18.93 -19.48
CA ASP B 58 -8.50 19.09 -18.13
C ASP B 58 -7.60 18.47 -17.09
N ARG B 59 -6.90 19.35 -16.37
CA ARG B 59 -5.95 18.96 -15.35
C ARG B 59 -6.67 18.30 -14.18
N TRP B 60 -7.81 18.86 -13.79
CA TRP B 60 -8.55 18.38 -12.63
C TRP B 60 -9.04 16.93 -12.85
N GLU B 61 -9.60 16.68 -14.03
CA GLU B 61 -10.02 15.33 -14.41
C GLU B 61 -8.84 14.39 -14.24
N ARG B 62 -7.70 14.73 -14.83
CA ARG B 62 -6.50 13.90 -14.72
C ARG B 62 -6.15 13.54 -13.27
N ILE B 63 -5.94 14.55 -12.43
CA ILE B 63 -5.71 14.31 -11.01
C ILE B 63 -6.81 13.40 -10.41
N CYS B 64 -8.07 13.62 -10.73
CA CYS B 64 -9.05 12.77 -10.08
C CYS B 64 -8.87 11.29 -10.44
N TYR B 65 -8.72 10.99 -11.74
CA TYR B 65 -8.42 9.62 -12.19
C TYR B 65 -7.19 9.05 -11.53
N TYR B 66 -6.14 9.85 -11.47
CA TYR B 66 -4.92 9.36 -10.89
C TYR B 66 -5.03 9.06 -9.41
N LEU B 67 -5.78 9.91 -8.71
CA LEU B 67 -5.81 9.88 -7.27
C LEU B 67 -6.59 8.64 -6.92
N VAL B 68 -7.69 8.44 -7.64
CA VAL B 68 -8.53 7.31 -7.34
C VAL B 68 -7.77 6.05 -7.66
N ALA B 69 -7.05 6.02 -8.78
CA ALA B 69 -6.28 4.81 -9.09
C ALA B 69 -5.30 4.52 -7.95
N GLY B 70 -4.63 5.56 -7.46
CA GLY B 70 -3.71 5.37 -6.35
C GLY B 70 -4.40 4.83 -5.10
N LEU B 71 -5.57 5.41 -4.79
CA LEU B 71 -6.26 4.98 -3.59
C LEU B 71 -6.71 3.53 -3.78
N TRP B 72 -7.34 3.29 -4.93
CA TRP B 72 -7.74 1.95 -5.27
C TRP B 72 -6.55 0.97 -5.12
N ALA B 73 -5.37 1.36 -5.59
CA ALA B 73 -4.22 0.45 -5.57
C ALA B 73 -3.58 0.24 -4.22
N SER B 74 -4.08 0.93 -3.20
CA SER B 74 -3.50 0.82 -1.85
C SER B 74 -4.48 0.16 -0.92
N THR B 75 -5.66 -0.18 -1.44
CA THR B 75 -6.74 -0.63 -0.60
C THR B 75 -6.40 -1.86 0.17
N VAL B 76 -6.90 -1.96 1.38
CA VAL B 76 -6.76 -3.19 2.13
C VAL B 76 -8.13 -3.82 2.32
N SER B 77 -9.17 -3.24 1.71
CA SER B 77 -10.55 -3.66 2.01
C SER B 77 -10.98 -4.95 1.28
N SER B 78 -11.69 -5.81 2.02
CA SER B 78 -12.06 -7.19 1.63
C SER B 78 -13.12 -7.24 0.54
N SER B 79 -13.87 -6.14 0.41
CA SER B 79 -14.84 -5.90 -0.66
C SER B 79 -14.41 -6.57 -1.99
N GLU B 80 -13.19 -6.29 -2.42
CA GLU B 80 -12.66 -6.82 -3.67
C GLU B 80 -12.75 -8.37 -3.77
N LEU B 81 -13.32 -9.02 -2.74
CA LEU B 81 -13.81 -10.41 -2.83
C LEU B 81 -14.82 -10.51 -3.97
N GLU B 82 -15.89 -9.72 -3.85
CA GLU B 82 -16.97 -9.68 -4.84
C GLU B 82 -16.92 -8.36 -5.62
N VAL B 101 -31.01 9.14 -2.89
CA VAL B 101 -31.92 8.01 -2.62
C VAL B 101 -31.23 7.02 -1.66
N ASN B 102 -31.95 5.97 -1.24
CA ASN B 102 -31.42 4.84 -0.43
C ASN B 102 -30.13 4.18 -0.99
N LYS B 103 -30.29 3.13 -1.80
CA LYS B 103 -29.18 2.41 -2.48
C LYS B 103 -28.37 3.40 -3.31
N GLY B 104 -28.48 4.69 -2.95
CA GLY B 104 -27.85 5.81 -3.64
C GLY B 104 -26.95 6.60 -2.71
N TYR B 105 -27.50 7.10 -1.60
CA TYR B 105 -26.70 7.83 -0.60
C TYR B 105 -25.65 6.91 0.01
N ARG B 106 -26.00 5.62 0.11
CA ARG B 106 -25.13 4.58 0.65
C ARG B 106 -23.82 4.48 -0.11
N ARG B 107 -23.80 4.92 -1.36
CA ARG B 107 -22.62 4.80 -2.21
C ARG B 107 -21.70 6.01 -2.25
N THR B 108 -22.06 7.07 -1.56
CA THR B 108 -21.26 8.27 -1.53
C THR B 108 -20.31 8.15 -0.34
N LEU B 109 -19.15 8.80 -0.41
CA LEU B 109 -18.18 8.67 0.66
C LEU B 109 -18.77 9.15 1.98
N GLY B 110 -19.80 10.01 1.91
CA GLY B 110 -20.49 10.49 3.11
C GLY B 110 -20.99 9.30 3.92
N HIS B 111 -21.50 8.31 3.22
CA HIS B 111 -21.93 7.13 3.91
C HIS B 111 -20.77 6.30 4.53
N ALA B 112 -19.68 6.12 3.78
CA ALA B 112 -18.56 5.41 4.35
C ALA B 112 -18.08 6.11 5.63
N ILE B 113 -17.89 7.44 5.55
CA ILE B 113 -17.37 8.23 6.68
C ILE B 113 -18.27 8.18 7.92
N ALA B 114 -19.57 8.31 7.74
CA ALA B 114 -20.50 8.07 8.86
C ALA B 114 -20.32 6.69 9.49
N GLN B 115 -20.01 5.69 8.68
CA GLN B 115 -19.77 4.33 9.19
C GLN B 115 -18.54 4.30 10.11
N LEU B 116 -17.48 4.96 9.65
CA LEU B 116 -16.28 5.17 10.46
C LEU B 116 -16.66 5.81 11.79
N TYR B 117 -17.28 6.97 11.69
CA TYR B 117 -17.78 7.73 12.83
C TYR B 117 -18.50 6.83 13.81
N LEU B 118 -19.51 6.11 13.34
CA LEU B 118 -20.29 5.28 14.26
C LEU B 118 -19.47 4.13 14.82
N ALA B 119 -18.63 3.51 14.00
CA ALA B 119 -17.72 2.49 14.49
C ALA B 119 -16.82 3.06 15.58
N ARG B 120 -16.46 4.33 15.48
CA ARG B 120 -15.56 4.94 16.44
C ARG B 120 -16.28 5.63 17.57
N ASP B 121 -17.49 5.16 17.83
CA ASP B 121 -18.32 5.67 18.90
C ASP B 121 -18.61 7.15 18.77
N GLN B 122 -18.95 7.56 17.55
CA GLN B 122 -19.34 8.95 17.26
C GLN B 122 -18.23 9.92 17.62
N SER B 123 -17.01 9.59 17.20
CA SER B 123 -15.82 10.35 17.53
C SER B 123 -15.85 11.75 16.94
N LYS B 124 -15.58 12.73 17.81
CA LYS B 124 -15.75 14.12 17.42
C LYS B 124 -14.65 14.63 16.50
N SER B 125 -13.42 14.16 16.75
CA SER B 125 -12.34 14.52 15.87
C SER B 125 -12.56 13.96 14.48
N ILE B 126 -13.18 12.78 14.35
CA ILE B 126 -13.39 12.38 12.95
C ILE B 126 -14.60 13.02 12.27
N GLU B 127 -15.63 13.41 13.03
CA GLU B 127 -16.63 14.33 12.46
C GLU B 127 -15.96 15.64 12.04
N GLN B 128 -15.18 16.22 12.95
CA GLN B 128 -14.36 17.37 12.58
C GLN B 128 -13.58 17.16 11.32
N ARG B 129 -12.89 16.03 11.20
CA ARG B 129 -12.07 15.78 10.05
C ARG B 129 -12.97 15.78 8.83
N PHE B 130 -14.20 15.32 9.01
CA PHE B 130 -15.13 15.24 7.90
C PHE B 130 -15.50 16.61 7.36
N ILE B 131 -15.94 17.51 8.23
CA ILE B 131 -16.32 18.86 7.82
C ILE B 131 -15.13 19.55 7.18
N ALA B 132 -13.94 19.28 7.68
CA ALA B 132 -12.74 19.93 7.15
C ALA B 132 -12.54 19.46 5.72
N LEU B 133 -12.93 18.21 5.45
CA LEU B 133 -12.82 17.63 4.12
C LEU B 133 -13.84 18.29 3.24
N LEU B 134 -15.08 18.42 3.72
CA LEU B 134 -16.08 19.11 2.91
C LEU B 134 -15.65 20.56 2.70
N ASP B 135 -14.75 21.09 3.50
CA ASP B 135 -14.30 22.44 3.22
C ASP B 135 -13.19 22.50 2.16
N ALA B 136 -12.59 21.37 1.85
CA ALA B 136 -11.37 21.37 1.05
C ALA B 136 -11.60 21.99 -0.30
N ASP B 137 -10.66 22.82 -0.75
CA ASP B 137 -10.67 23.37 -2.08
C ASP B 137 -9.86 22.39 -2.92
N GLU B 138 -9.61 22.67 -4.19
CA GLU B 138 -8.85 21.76 -5.05
C GLU B 138 -7.51 21.40 -4.45
N GLU B 139 -6.74 22.38 -4.03
CA GLU B 139 -5.39 22.06 -3.57
C GLU B 139 -5.38 21.19 -2.31
N GLN B 140 -6.32 21.43 -1.41
CA GLN B 140 -6.29 20.72 -0.16
C GLN B 140 -6.94 19.36 -0.29
N LEU B 141 -7.69 19.12 -1.36
CA LEU B 141 -8.54 17.91 -1.37
C LEU B 141 -7.78 16.58 -1.42
N PRO B 142 -6.81 16.44 -2.35
CA PRO B 142 -6.11 15.17 -2.50
C PRO B 142 -5.54 14.72 -1.18
N TYR B 143 -4.86 15.62 -0.52
CA TYR B 143 -4.30 15.29 0.78
C TYR B 143 -5.35 14.87 1.81
N ARG B 144 -6.37 15.68 2.02
CA ARG B 144 -7.33 15.34 3.05
C ARG B 144 -8.14 14.09 2.74
N LEU B 145 -8.41 13.85 1.45
CA LEU B 145 -9.13 12.65 1.04
C LEU B 145 -8.31 11.45 1.42
N ARG B 146 -7.06 11.49 0.99
CA ARG B 146 -6.15 10.41 1.20
C ARG B 146 -6.09 9.98 2.64
N GLN B 147 -6.17 10.95 3.54
CA GLN B 147 -6.08 10.69 4.99
C GLN B 147 -7.34 10.06 5.53
N MET B 148 -8.48 10.51 5.00
CA MET B 148 -9.77 9.98 5.43
C MET B 148 -9.89 8.55 4.91
N VAL B 149 -9.49 8.34 3.66
CA VAL B 149 -9.56 7.02 3.07
C VAL B 149 -8.71 6.06 3.87
N GLN B 150 -7.46 6.43 4.08
CA GLN B 150 -6.58 5.68 4.98
C GLN B 150 -7.26 5.35 6.34
N LEU B 151 -8.05 6.30 6.89
CA LEU B 151 -8.73 6.04 8.16
C LEU B 151 -9.89 5.07 8.03
N ILE B 152 -10.70 5.25 6.99
CA ILE B 152 -11.78 4.34 6.62
C ILE B 152 -11.24 2.94 6.38
N GLU B 153 -10.12 2.85 5.67
CA GLU B 153 -9.53 1.55 5.45
C GLU B 153 -9.04 0.96 6.75
N SER B 154 -8.67 1.81 7.71
CA SER B 154 -8.17 1.33 9.00
C SER B 154 -9.17 0.50 9.80
N GLN B 155 -10.45 0.61 9.49
CA GLN B 155 -11.47 -0.15 10.19
C GLN B 155 -11.82 -1.38 9.37
N ASP B 156 -12.40 -2.39 10.03
CA ASP B 156 -12.52 -3.73 9.43
C ASP B 156 -13.45 -3.81 8.21
N ASP B 157 -14.66 -3.27 8.37
CA ASP B 157 -15.83 -3.66 7.59
C ASP B 157 -16.16 -2.77 6.39
N ILE B 158 -15.66 -1.54 6.36
CA ILE B 158 -16.28 -0.48 5.56
C ILE B 158 -15.85 -0.42 4.09
N ARG B 159 -16.82 -0.56 3.20
CA ARG B 159 -16.60 -0.60 1.76
C ARG B 159 -16.64 0.77 1.18
N ILE B 160 -15.72 1.08 0.28
CA ILE B 160 -15.69 2.35 -0.39
C ILE B 160 -16.11 2.12 -1.83
N TYR B 161 -17.10 2.87 -2.31
CA TYR B 161 -17.47 2.79 -3.72
C TYR B 161 -16.59 3.70 -4.58
N TRP B 162 -15.53 3.11 -5.13
CA TRP B 162 -14.57 3.82 -6.00
C TRP B 162 -15.13 4.56 -7.19
N SER B 163 -15.90 3.90 -8.03
CA SER B 163 -16.31 4.56 -9.25
C SER B 163 -17.18 5.75 -8.88
N GLU B 164 -18.10 5.59 -7.90
CA GLU B 164 -18.85 6.79 -7.46
C GLU B 164 -17.98 7.82 -6.73
N LEU B 165 -16.97 7.39 -6.01
CA LEU B 165 -16.03 8.35 -5.48
C LEU B 165 -15.44 9.18 -6.65
N LEU B 166 -15.07 8.52 -7.74
CA LEU B 166 -14.47 9.24 -8.85
C LEU B 166 -15.46 10.25 -9.41
N ARG B 167 -16.67 9.78 -9.65
CA ARG B 167 -17.79 10.59 -10.11
C ARG B 167 -17.82 11.84 -9.24
N ASP B 168 -17.82 11.66 -7.93
CA ASP B 168 -17.99 12.75 -7.01
C ASP B 168 -16.83 13.73 -7.06
N LEU B 169 -15.60 13.27 -6.87
CA LEU B 169 -14.41 14.13 -7.06
C LEU B 169 -14.45 14.98 -8.35
N LEU B 170 -14.82 14.38 -9.49
CA LEU B 170 -14.79 15.09 -10.73
C LEU B 170 -15.69 16.31 -10.67
N ALA B 171 -16.64 16.27 -9.74
CA ALA B 171 -17.66 17.29 -9.70
C ALA B 171 -17.46 18.20 -8.50
N TRP B 172 -16.33 18.00 -7.80
CA TRP B 172 -15.98 18.79 -6.63
C TRP B 172 -15.99 20.32 -6.81
N ASN B 173 -15.72 20.82 -8.02
CA ASN B 173 -15.64 22.26 -8.21
C ASN B 173 -16.86 22.87 -8.85
N ARG B 174 -17.96 22.14 -8.90
CA ARG B 174 -19.20 22.66 -9.48
C ARG B 174 -19.74 23.82 -8.66
N GLU B 175 -20.21 24.86 -9.33
CA GLU B 175 -20.55 26.10 -8.62
C GLU B 175 -21.26 25.87 -7.25
N ARG B 176 -22.39 25.17 -7.26
CA ARG B 176 -23.26 25.17 -6.09
C ARG B 176 -22.83 24.20 -4.97
N LYS B 177 -21.62 23.66 -5.09
CA LYS B 177 -21.06 22.67 -4.16
C LYS B 177 -21.91 21.44 -3.92
N PRO B 178 -22.42 20.85 -5.00
CA PRO B 178 -23.47 19.86 -4.87
C PRO B 178 -22.93 18.57 -4.27
N VAL B 179 -21.72 18.15 -4.60
CA VAL B 179 -21.23 16.90 -4.10
C VAL B 179 -21.08 17.03 -2.61
N GLN B 180 -20.42 18.10 -2.19
CA GLN B 180 -20.10 18.27 -0.77
C GLN B 180 -21.40 18.24 0.02
N GLN B 181 -22.42 18.88 -0.50
CA GLN B 181 -23.71 18.79 0.15
C GLN B 181 -24.27 17.37 0.16
N LYS B 182 -24.13 16.64 -0.96
CA LYS B 182 -24.61 15.26 -1.08
C LYS B 182 -23.92 14.33 -0.08
N TRP B 183 -22.62 14.53 0.12
CA TRP B 183 -21.96 13.78 1.17
C TRP B 183 -22.46 14.09 2.57
N ALA B 184 -22.69 15.37 2.88
CA ALA B 184 -23.20 15.76 4.18
C ALA B 184 -24.55 15.10 4.46
N ARG B 185 -25.53 15.28 3.59
CA ARG B 185 -26.82 14.58 3.72
C ARG B 185 -26.52 13.09 3.98
N ALA B 186 -25.67 12.46 3.17
CA ALA B 186 -25.41 11.06 3.34
C ALA B 186 -24.96 10.74 4.76
N PHE B 187 -23.91 11.42 5.21
CA PHE B 187 -23.38 11.24 6.57
C PHE B 187 -24.47 11.37 7.62
N TYR B 188 -25.15 12.51 7.64
CA TYR B 188 -26.17 12.81 8.66
C TYR B 188 -27.45 11.99 8.52
N ARG B 189 -27.71 11.48 7.31
CA ARG B 189 -28.78 10.52 7.10
C ARG B 189 -28.39 9.20 7.74
N THR B 190 -27.11 8.84 7.68
CA THR B 190 -26.65 7.56 8.26
C THR B 190 -26.66 7.62 9.79
N VAL B 191 -26.14 8.70 10.35
CA VAL B 191 -26.17 8.90 11.80
C VAL B 191 -27.60 8.89 12.30
N ALA B 192 -28.49 9.65 11.65
CA ALA B 192 -29.90 9.64 12.04
C ALA B 192 -30.51 8.22 12.06
N LYS B 193 -30.38 7.49 10.95
CA LYS B 193 -30.95 6.15 10.80
C LYS B 193 -30.48 5.23 11.91
N GLU B 194 -29.19 5.30 12.24
CA GLU B 194 -28.65 4.53 13.34
C GLU B 194 -29.32 4.87 14.66
N GLU B 195 -29.39 6.16 14.95
CA GLU B 195 -29.92 6.62 16.22
C GLU B 195 -31.40 6.30 16.47
N THR B 196 -32.19 6.22 15.40
CA THR B 196 -33.56 5.72 15.56
C THR B 196 -33.56 4.21 15.75
N ILE B 197 -32.74 3.51 14.96
CA ILE B 197 -32.62 2.04 15.08
C ILE B 197 -32.30 1.54 16.50
N SER B 198 -31.35 2.20 17.18
CA SER B 198 -30.81 1.65 18.44
C SER B 198 -31.13 2.44 19.71
N MET B 199 -31.37 3.74 19.59
CA MET B 199 -31.78 4.55 20.74
C MET B 199 -33.28 4.46 20.95
HG HG C . 9.37 -13.08 9.60
HG HG D . 14.07 -9.78 -5.86
HG HG E . -9.40 15.01 -7.21
HG HG F . -16.81 0.20 -7.08
#